data_107D
#
_entry.id   107D
#
_cell.length_a   1.000
_cell.length_b   1.000
_cell.length_c   1.000
_cell.angle_alpha   90.00
_cell.angle_beta   90.00
_cell.angle_gamma   90.00
#
_symmetry.space_group_name_H-M   'P 1'
#
loop_
_entity.id
_entity.type
_entity.pdbx_description
1 polymer "DNA (5'-D(*CP*CP*TP*TP*TP*TP*C)-3')"
2 polymer "DNA (5'-D(*GP*AP*AP*AP*AP*GP*G)-3')"
3 non-polymer '4-HYDROXY-2,8-DIMETHYL-1-OXO-6-(4,5,6-TRIMETHOXY-1H-INDOLE-2-CARBONYL)-1,2,3,6,7,8-HEXAHYDRO-3,6-DIAZA-AS-INDACENE-2-CARBOXYLIC ACID METHYL ESTER'
#
loop_
_entity_poly.entity_id
_entity_poly.type
_entity_poly.pdbx_seq_one_letter_code
_entity_poly.pdbx_strand_id
1 'polydeoxyribonucleotide' (DC)(DC)(DT)(DT)(DT)(DT)(DC) A
2 'polydeoxyribonucleotide' (DG)(DA)(DA)(DA)(DA)(DG)(DG) B
#
loop_
_chem_comp.id
_chem_comp.type
_chem_comp.name
_chem_comp.formula
DA DNA linking 2'-DEOXYADENOSINE-5'-MONOPHOSPHATE 'C10 H14 N5 O6 P'
DC DNA linking 2'-DEOXYCYTIDINE-5'-MONOPHOSPHATE 'C9 H14 N3 O7 P'
DG DNA linking 2'-DEOXYGUANOSINE-5'-MONOPHOSPHATE 'C10 H14 N5 O7 P'
DT DNA linking THYMIDINE-5'-MONOPHOSPHATE 'C10 H15 N2 O8 P'
DUO non-polymer '4-HYDROXY-2,8-DIMETHYL-1-OXO-6-(4,5,6-TRIMETHOXY-1H-INDOLE-2-CARBONYL)-1,2,3,6,7,8-HEXAHYDRO-3,6-DIAZA-AS-INDACENE-2-CARBOXYLIC ACID METHYL ESTER' 'C26 H27 N3 O8'
#
# COMPACT_ATOMS: atom_id res chain seq x y z
N1 DUO C . -2.60 -4.70 2.10
C2 DUO C . -1.82 -4.69 3.33
C3 DUO C . -0.88 -3.54 3.24
C4 DUO C . -1.08 -2.89 1.92
C5 DUO C . -2.10 -3.60 1.29
C6 DUO C . -2.55 -3.22 0.02
C7 DUO C . -1.97 -2.13 -0.64
C8 DUO C . -0.95 -1.41 -0.01
C9 DUO C . -0.51 -1.82 1.24
C10 DUO C . 0.15 0.16 2.62
C11 DUO C . 0.63 -0.95 1.70
C12 DUO C . 0.99 -0.34 0.39
N13 DUO C . -0.21 -0.24 -0.42
C14 DUO C . -0.34 0.52 -1.66
C15 DUO C . 0.71 1.33 -2.37
C16 DUO C . 2.07 1.41 -2.11
C17 DUO C . 2.66 2.31 -2.97
C18 DUO C . 3.92 2.85 -3.17
C19 DUO C . 4.20 3.80 -4.17
C20 DUO C . 3.15 4.17 -5.02
C21 DUO C . 1.84 3.68 -4.82
C22 DUO C . 1.63 2.76 -3.79
N23 DUO C . 0.51 2.15 -3.40
O24 DUO C . 5.47 4.34 -4.30
C25 DUO C . 6.35 4.51 -3.17
O26 DUO C . 3.39 5.05 -6.07
C27 DUO C . 3.46 6.45 -5.79
O28 DUO C . 0.80 4.08 -5.64
C29 DUO C . -0.04 5.11 -5.07
O30 DUO C . -1.48 0.45 -2.15
O31 DUO C . -3.54 -3.87 -0.68
O32 DUO C . -0.10 -3.16 4.11
C33 DUO C . -2.87 -4.40 4.40
C34 DUO C . -0.96 -5.87 3.66
O35 DUO C . -0.18 -6.32 2.81
O36 DUO C . -1.01 -6.49 4.90
C37 DUO C . 0.04 -6.11 5.80
H1 DUO C . -2.63 -5.56 1.64
H7 DUO C . -2.35 -1.82 -1.59
H101 DUO C . -0.47 0.73 1.89
H102 DUO C . -0.37 -0.34 3.44
H11 DUO C . 1.54 -1.50 2.00
H121 DUO C . 1.63 -1.12 -0.04
H122 DUO C . 1.56 0.57 0.61
H16 DUO C . 2.55 0.83 -1.33
H18 DUO C . 4.77 2.57 -2.56
H23 DUO C . -0.36 2.29 -3.81
H251 DUO C . 7.38 4.73 -3.52
H252 DUO C . 6.44 3.57 -2.61
H253 DUO C . 6.05 5.29 -2.45
H271 DUO C . 3.78 6.99 -6.68
H272 DUO C . 4.17 6.64 -4.97
H273 DUO C . 2.46 6.79 -5.49
H291 DUO C . -0.61 4.68 -4.24
H292 DUO C . -0.73 5.49 -5.84
H293 DUO C . 0.60 5.93 -4.72
H31 DUO C . -4.25 -4.07 -0.07
H331 DUO C . -2.47 -4.65 5.40
H332 DUO C . -3.76 -5.00 4.20
H333 DUO C . -3.13 -3.33 4.37
H371 DUO C . -0.26 -6.27 6.84
H372 DUO C . 0.95 -6.71 5.59
H373 DUO C . 0.28 -5.04 5.68
N1 DUO C . -3.44 -4.44 2.40
C2 DUO C . -2.58 -4.64 3.56
C3 DUO C . -1.74 -3.42 3.62
C4 DUO C . -1.79 -2.75 2.29
C5 DUO C . -2.81 -3.40 1.61
C6 DUO C . -3.15 -3.03 0.30
C7 DUO C . -2.47 -1.98 -0.30
C8 DUO C . -1.47 -1.29 0.38
C9 DUO C . -1.10 -1.73 1.66
C10 DUO C . -0.40 0.17 3.10
C11 DUO C . 0.09 -0.91 2.15
C12 DUO C . 0.48 -0.24 0.87
N13 DUO C . -0.68 -0.13 0.00
C14 DUO C . -0.77 0.63 -1.24
C15 DUO C . 0.30 1.45 -1.90
C16 DUO C . 1.66 1.52 -1.60
C17 DUO C . 2.27 2.43 -2.45
C18 DUO C . 3.54 2.96 -2.65
C19 DUO C . 3.83 3.91 -3.63
C20 DUO C . 2.79 4.31 -4.49
C21 DUO C . 1.50 3.81 -4.31
C22 DUO C . 1.27 2.88 -3.29
N23 DUO C . 0.13 2.28 -2.94
O24 DUO C . 5.09 4.46 -3.82
C25 DUO C . 6.03 4.54 -2.74
O26 DUO C . 3.05 5.21 -5.52
C27 DUO C . 3.07 6.60 -5.18
O28 DUO C . 0.45 4.22 -5.13
C29 DUO C . -0.37 5.26 -4.58
O30 DUO C . -1.88 0.56 -1.79
O31 DUO C . -4.11 -3.65 -0.44
O32 DUO C . -1.08 -3.00 4.58
C33 DUO C . -3.49 -4.78 4.79
C34 DUO C . -1.61 -5.76 3.47
O35 DUO C . -0.80 -5.99 4.39
O36 DUO C . -1.54 -6.59 2.37
C37 DUO C . -2.23 -7.81 2.67
H1 DUO C . -3.77 -5.23 1.94
H7 DUO C . -2.74 -1.68 -1.31
H101 DUO C . -0.99 0.76 2.40
H102 DUO C . -0.94 -0.37 3.89
H11 DUO C . 0.98 -1.47 2.46
H121 DUO C . 1.14 -1.00 0.44
H122 DUO C . 1.02 0.69 1.10
H16 DUO C . 2.09 0.94 -0.81
H18 DUO C . 4.37 2.66 -2.02
H23 DUO C . -0.72 2.44 -3.38
H251 DUO C . 7.01 4.87 -3.13
H252 DUO C . 6.19 3.55 -2.28
H253 DUO C . 5.71 5.23 -1.95
H271 DUO C . 3.44 7.19 -6.03
H272 DUO C . 3.73 6.77 -4.31
H273 DUO C . 2.04 6.92 -4.93
H291 DUO C . 0.27 6.07 -4.22
H292 DUO C . -0.98 4.85 -3.76
H293 DUO C . -1.03 5.64 -5.38
H31 DUO C . -4.95 -3.48 -0.01
H331 DUO C . -2.94 -5.22 5.62
H332 DUO C . -4.36 -5.42 4.53
H333 DUO C . -3.86 -3.79 5.09
H371 DUO C . -2.37 -8.38 1.74
H372 DUO C . -1.65 -8.42 3.39
H373 DUO C . -3.20 -7.55 3.12
N1 DUO C . -3.92 -4.28 3.50
C2 DUO C . -2.97 -4.47 4.60
C3 DUO C . -2.18 -3.21 4.68
C4 DUO C . -2.27 -2.56 3.36
C5 DUO C . -3.30 -3.23 2.70
C6 DUO C . -3.63 -2.87 1.39
C7 DUO C . -2.98 -1.82 0.76
C8 DUO C . -2.00 -1.10 1.44
C9 DUO C . -1.60 -1.53 2.70
C10 DUO C . -0.86 0.40 4.11
C11 DUO C . -0.43 -0.71 3.18
C12 DUO C . -0.03 -0.08 1.88
N13 DUO C . -1.23 0.08 1.09
C14 DUO C . -1.36 0.84 -0.15
C15 DUO C . -0.30 1.69 -0.81
C16 DUO C . 1.07 1.73 -0.57
C17 DUO C . 1.64 2.67 -1.39
C18 DUO C . 2.91 3.21 -1.62
C19 DUO C . 3.15 4.20 -2.58
C20 DUO C . 2.06 4.65 -3.36
C21 DUO C . 0.77 4.19 -3.11
C22 DUO C . 0.60 3.19 -2.15
N23 DUO C . -0.53 2.58 -1.78
O24 DUO C . 4.42 4.72 -2.77
C25 DUO C . 5.32 4.80 -1.65
O26 DUO C . 2.28 5.58 -4.37
C27 DUO C . 2.17 6.95 -4.06
O28 DUO C . -0.33 4.67 -3.80
C29 DUO C . -0.72 3.90 -4.95
O30 DUO C . -2.47 0.76 -0.67
O31 DUO C . -4.58 -3.53 0.65
O32 DUO C . -1.52 -2.76 5.62
C33 DUO C . -3.71 -4.74 5.92
C34 DUO C . -1.97 -5.54 4.34
O35 DUO C . -0.94 -5.69 4.97
O36 DUO C . -2.17 -6.43 3.30
C37 DUO C . -2.56 -7.68 3.83
H1 DUO C . -4.75 -3.88 3.82
H7 DUO C . -3.27 -1.54 -0.24
H101 DUO C . -1.50 0.94 3.38
H102 DUO C . -1.41 -0.10 4.94
H11 DUO C . 0.48 -1.27 3.45
H121 DUO C . 0.58 -0.86 1.42
H122 DUO C . 0.56 0.82 2.11
H16 DUO C . 1.53 1.09 0.17
H18 DUO C . 3.76 2.85 -1.07
H23 DUO C . -1.39 2.76 -2.18
H251 DUO C . 5.39 3.82 -1.16
H252 DUO C . 5.02 5.54 -0.88
H253 DUO C . 6.35 5.00 -1.99
H271 DUO C . 2.51 7.61 -4.87
H272 DUO C . 2.78 7.14 -3.15
H273 DUO C . 1.11 7.18 -3.84
H291 DUO C . -0.76 2.83 -4.68
H292 DUO C . 0.05 4.05 -5.72
H293 DUO C . -1.69 4.24 -5.32
H31 DUO C . -5.44 -3.27 0.97
H331 DUO C . -4.12 -3.78 6.25
H332 DUO C . -3.02 -5.13 6.69
H333 DUO C . -4.50 -5.47 5.71
H371 DUO C . -1.71 -8.23 4.29
H372 DUO C . -3.32 -7.47 4.61
H373 DUO C . -2.96 -8.29 3.02
N1 DUO C . -3.41 -4.50 3.16
C2 DUO C . -2.49 -4.56 4.30
C3 DUO C . -1.58 -3.39 4.22
C4 DUO C . -1.76 -2.78 2.88
C5 DUO C . -2.83 -3.47 2.31
C6 DUO C . -3.24 -3.11 1.01
C7 DUO C . -2.62 -2.10 0.30
C8 DUO C . -1.55 -1.41 0.89
C9 DUO C . -1.13 -1.79 2.14
C10 DUO C . -0.35 0.16 3.48
C11 DUO C . 0.06 -0.97 2.56
C12 DUO C . 0.45 -0.44 1.24
N13 DUO C . -0.73 -0.31 0.41
C14 DUO C . -0.83 0.36 -0.89
C15 DUO C . 0.18 1.26 -1.55
C16 DUO C . 1.53 1.33 -1.26
C17 DUO C . 2.13 2.27 -2.08
C18 DUO C . 3.40 2.81 -2.24
C19 DUO C . 3.67 3.82 -3.17
C20 DUO C . 2.64 4.25 -4.02
C21 DUO C . 1.34 3.73 -3.86
C22 DUO C . 1.10 2.77 -2.88
N23 DUO C . -0.03 2.15 -2.52
O24 DUO C . 4.93 4.42 -3.29
C25 DUO C . 5.86 4.40 -2.17
O26 DUO C . 2.87 5.17 -5.04
C27 DUO C . 3.00 6.56 -4.70
O28 DUO C . 0.33 4.19 -4.70
C29 DUO C . -0.54 5.20 -4.17
O30 DUO C . -1.88 0.12 -1.49
O31 DUO C . -4.25 -3.67 0.27
O32 DUO C . -0.80 -2.97 5.08
C33 DUO C . -3.23 -4.53 5.65
C34 DUO C . -1.61 -5.78 4.25
O35 DUO C . -0.48 -5.84 3.77
O36 DUO C . -2.04 -6.97 4.77
C37 DUO C . -2.58 -7.71 3.68
H1 DUO C . -4.25 -4.12 3.46
H7 DUO C . -3.01 -1.82 -0.66
H101 DUO C . -1.01 0.70 2.78
H102 DUO C . -0.82 -0.34 4.35
H11 DUO C . 0.93 -1.59 2.87
H121 DUO C . 1.05 -1.25 0.82
H122 DUO C . 1.04 0.47 1.44
H16 DUO C . 1.97 0.69 -0.51
H18 DUO C . 4.24 2.49 -1.65
H23 DUO C . -0.89 2.32 -2.91
H251 DUO C . 6.65 5.16 -2.29
H252 DUO C . 6.40 3.45 -2.05
H253 DUO C . 5.44 4.56 -1.16
H271 DUO C . 3.75 6.64 -3.90
H272 DUO C . 2.05 7.00 -4.37
H273 DUO C . 3.37 7.08 -5.61
H291 DUO C . -1.24 5.57 -4.94
H292 DUO C . 0.05 6.03 -3.76
H293 DUO C . -1.10 4.69 -3.38
H31 DUO C . -5.10 -3.65 0.71
H331 DUO C . -2.57 -4.93 6.43
H332 DUO C . -4.15 -5.13 5.57
H333 DUO C . -3.48 -3.48 5.85
H371 DUO C . -1.85 -7.78 2.86
H372 DUO C . -2.75 -8.73 4.10
H373 DUO C . -3.50 -7.21 3.38
#